data_5ILA
#
_entry.id   5ILA
#
_cell.length_a   116.568
_cell.length_b   116.568
_cell.length_c   206.470
_cell.angle_alpha   90.000
_cell.angle_beta   90.000
_cell.angle_gamma   90.000
#
_symmetry.space_group_name_H-M   'I 4 2 2'
#
loop_
_entity.id
_entity.type
_entity.pdbx_description
1 polymer 'Protease Do-like 9'
2 water water
#
_entity_poly.entity_id   1
_entity_poly.type   'polypeptide(L)'
_entity_poly.pdbx_seq_one_letter_code
;MGSSHHHHHHSSGLVPRGSHMASMTGGQQMGRGSEFELLNNESEAGNQRTSSPERSRSRLHHSDTKNGDCSNGMIVSTTT
ESIPAAPSWETVVKVVPSMDAVVKVFCVHTEPNFSLPWQRKRQYSSGSSGFIIGGRRVLTNAHSVEHHTQVKLKKRGSDT
KYLATVLAIGTECDIALLTVTDDEFWEGVSPVEFGDLPALQDAVTVVGYPIGGDTISVTSGVVSRMEILSYVHGSTELLG
LQIDAAINSGNSGGPAFNDKGKCVGIAFQSLKHEDAENIGYVIPTPVIVHFIQDYEKHDKY
;
_entity_poly.pdbx_strand_id   A,B
#
# COMPACT_ATOMS: atom_id res chain seq x y z
N SER A 98 -20.07 -11.28 -24.64
CA SER A 98 -20.82 -10.15 -24.11
C SER A 98 -19.94 -8.91 -24.02
N MET A 99 -19.23 -8.66 -25.12
CA MET A 99 -18.20 -7.62 -25.22
C MET A 99 -18.67 -6.26 -24.73
N ASP A 100 -19.93 -5.94 -25.01
CA ASP A 100 -20.46 -4.60 -24.76
C ASP A 100 -20.57 -4.26 -23.29
N ALA A 101 -20.61 -5.28 -22.43
CA ALA A 101 -20.78 -5.06 -21.00
C ALA A 101 -19.46 -4.76 -20.28
N VAL A 102 -18.35 -4.93 -20.99
CA VAL A 102 -17.02 -4.77 -20.38
C VAL A 102 -16.50 -3.33 -20.48
N VAL A 103 -16.21 -2.73 -19.35
CA VAL A 103 -15.85 -1.33 -19.31
C VAL A 103 -14.47 -1.10 -18.72
N LYS A 104 -13.86 0.04 -19.07
CA LYS A 104 -12.54 0.37 -18.59
C LYS A 104 -12.63 1.34 -17.43
N VAL A 105 -11.93 1.03 -16.35
CA VAL A 105 -12.00 1.82 -15.12
C VAL A 105 -10.80 2.74 -14.99
N PHE A 106 -11.05 4.02 -14.72
CA PHE A 106 -10.00 5.00 -14.52
C PHE A 106 -10.06 5.54 -13.09
N CYS A 107 -8.93 5.53 -12.41
CA CYS A 107 -8.87 6.06 -11.05
C CYS A 107 -7.48 6.57 -10.78
N VAL A 108 -7.36 7.61 -9.95
CA VAL A 108 -6.04 8.10 -9.59
C VAL A 108 -5.48 7.28 -8.45
N HIS A 109 -4.41 6.55 -8.76
CA HIS A 109 -3.78 5.64 -7.81
C HIS A 109 -2.58 6.30 -7.13
N THR A 110 -2.62 6.36 -5.81
CA THR A 110 -1.48 6.84 -5.05
C THR A 110 -0.80 5.65 -4.39
N GLU A 111 0.51 5.51 -4.59
CA GLU A 111 1.26 4.35 -4.12
C GLU A 111 1.26 4.22 -2.60
N PRO A 112 1.43 2.98 -2.10
CA PRO A 112 1.40 2.73 -0.65
C PRO A 112 2.72 3.07 0.04
N ASN A 113 3.78 3.26 -0.74
CA ASN A 113 5.09 3.52 -0.19
C ASN A 113 5.63 4.90 -0.54
N PHE A 114 6.56 5.39 0.26
CA PHE A 114 7.33 6.56 -0.10
C PHE A 114 8.42 6.12 -1.08
N SER A 115 8.49 6.75 -2.25
CA SER A 115 9.52 6.41 -3.22
C SER A 115 10.87 6.84 -2.65
N LEU A 116 10.87 8.02 -2.05
CA LEU A 116 11.98 8.53 -1.27
C LEU A 116 11.39 9.14 -0.01
N PRO A 117 12.08 9.00 1.14
CA PRO A 117 11.46 9.41 2.40
C PRO A 117 11.20 10.93 2.48
N TRP A 118 11.80 11.71 1.61
CA TRP A 118 11.63 13.17 1.66
C TRP A 118 10.69 13.72 0.61
N GLN A 119 9.98 12.83 -0.08
CA GLN A 119 9.02 13.23 -1.10
C GLN A 119 7.63 12.71 -0.78
N ARG A 120 6.62 13.35 -1.36
CA ARG A 120 5.26 12.86 -1.28
C ARG A 120 5.24 11.47 -1.89
N LYS A 121 4.32 10.64 -1.43
CA LYS A 121 4.10 9.34 -2.06
C LYS A 121 3.75 9.60 -3.52
N ARG A 122 4.42 8.90 -4.43
CA ARG A 122 4.18 9.07 -5.86
C ARG A 122 2.72 8.74 -6.16
N GLN A 123 2.17 9.42 -7.14
CA GLN A 123 0.75 9.32 -7.43
C GLN A 123 0.51 9.52 -8.92
N TYR A 124 -0.23 8.60 -9.53
CA TYR A 124 -0.45 8.64 -10.97
C TYR A 124 -1.76 7.95 -11.36
N SER A 125 -2.26 8.27 -12.54
CA SER A 125 -3.51 7.68 -13.01
C SER A 125 -3.32 6.22 -13.40
N SER A 126 -4.21 5.37 -12.92
CA SER A 126 -4.16 3.94 -13.19
C SER A 126 -5.35 3.48 -14.02
N GLY A 127 -5.28 2.24 -14.49
CA GLY A 127 -6.32 1.67 -15.32
C GLY A 127 -6.66 0.28 -14.85
N SER A 128 -7.88 -0.15 -15.15
CA SER A 128 -8.40 -1.39 -14.62
C SER A 128 -9.63 -1.74 -15.45
N SER A 129 -10.24 -2.88 -15.17
CA SER A 129 -11.44 -3.26 -15.89
C SER A 129 -12.61 -3.52 -14.96
N GLY A 130 -13.80 -3.60 -15.55
CA GLY A 130 -15.01 -3.88 -14.82
C GLY A 130 -16.09 -4.30 -15.80
N PHE A 131 -17.27 -4.62 -15.29
CA PHE A 131 -18.36 -5.01 -16.17
C PHE A 131 -19.76 -4.77 -15.60
N ILE A 132 -20.69 -4.54 -16.52
CA ILE A 132 -22.07 -4.19 -16.21
C ILE A 132 -22.87 -5.43 -15.85
N ILE A 133 -23.61 -5.35 -14.76
CA ILE A 133 -24.49 -6.45 -14.38
C ILE A 133 -25.93 -5.97 -14.27
N GLY A 134 -26.81 -6.85 -13.78
CA GLY A 134 -28.20 -6.49 -13.62
C GLY A 134 -28.45 -5.42 -12.59
N GLY A 135 -29.42 -4.55 -12.87
CA GLY A 135 -29.90 -3.60 -11.89
C GLY A 135 -29.07 -2.33 -11.78
N ARG A 136 -28.59 -1.82 -12.92
CA ARG A 136 -27.83 -0.59 -12.95
C ARG A 136 -26.57 -0.64 -12.06
N ARG A 137 -25.81 -1.72 -12.19
CA ARG A 137 -24.62 -1.90 -11.38
C ARG A 137 -23.42 -2.31 -12.21
N VAL A 138 -22.23 -1.96 -11.72
CA VAL A 138 -21.00 -2.39 -12.34
C VAL A 138 -20.08 -3.04 -11.30
N LEU A 139 -19.58 -4.22 -11.63
CA LEU A 139 -18.59 -4.90 -10.80
C LEU A 139 -17.18 -4.58 -11.25
N THR A 140 -16.30 -4.32 -10.29
CA THR A 140 -14.89 -4.16 -10.57
C THR A 140 -14.14 -4.55 -9.30
N ASN A 141 -12.82 -4.38 -9.28
CA ASN A 141 -12.06 -4.71 -8.09
C ASN A 141 -12.04 -3.63 -7.02
N ALA A 142 -11.81 -4.02 -5.78
CA ALA A 142 -11.76 -3.06 -4.70
C ALA A 142 -10.48 -2.22 -4.73
N HIS A 143 -9.37 -2.83 -5.15
CA HIS A 143 -8.07 -2.17 -5.01
C HIS A 143 -7.89 -0.94 -5.89
N SER A 144 -8.51 -0.93 -7.07
CA SER A 144 -8.40 0.19 -8.00
C SER A 144 -9.18 1.43 -7.53
N VAL A 145 -10.31 1.22 -6.90
CA VAL A 145 -11.19 2.32 -6.51
C VAL A 145 -10.97 2.76 -5.07
N GLU A 146 -9.96 2.19 -4.42
CA GLU A 146 -9.62 2.61 -3.06
C GLU A 146 -9.15 4.06 -3.00
N HIS A 147 -9.05 4.57 -1.77
CA HIS A 147 -8.97 6.02 -1.51
C HIS A 147 -10.30 6.66 -1.94
N HIS A 148 -10.46 7.94 -1.66
CA HIS A 148 -11.72 8.59 -1.98
C HIS A 148 -11.60 9.40 -3.26
N THR A 149 -10.74 8.92 -4.14
CA THR A 149 -10.64 9.43 -5.50
C THR A 149 -11.91 9.09 -6.24
N GLN A 150 -12.33 9.96 -7.15
CA GLN A 150 -13.47 9.65 -8.00
C GLN A 150 -13.04 8.75 -9.14
N VAL A 151 -13.94 7.88 -9.58
CA VAL A 151 -13.61 6.94 -10.63
C VAL A 151 -14.46 7.18 -11.89
N LYS A 152 -13.82 7.08 -13.05
CA LYS A 152 -14.48 7.27 -14.34
C LYS A 152 -14.60 5.93 -15.05
N LEU A 153 -15.54 5.81 -15.97
CA LEU A 153 -15.72 4.56 -16.73
C LEU A 153 -15.70 4.87 -18.22
N LYS A 154 -15.21 3.93 -19.01
CA LYS A 154 -15.24 4.09 -20.45
C LYS A 154 -15.82 2.84 -21.07
N LYS A 155 -16.53 2.99 -22.19
CA LYS A 155 -17.10 1.85 -22.89
C LYS A 155 -16.33 1.51 -24.16
N ARG A 156 -16.65 0.35 -24.73
CA ARG A 156 -15.89 -0.22 -25.84
C ARG A 156 -15.70 0.68 -27.06
N GLY A 157 -16.78 1.32 -27.51
CA GLY A 157 -16.75 2.06 -28.76
C GLY A 157 -16.23 3.49 -28.69
N SER A 158 -16.72 4.24 -27.70
CA SER A 158 -16.37 5.67 -27.59
C SER A 158 -15.21 5.92 -26.65
N ASP A 159 -14.74 7.15 -26.64
CA ASP A 159 -13.72 7.58 -25.68
C ASP A 159 -14.38 8.40 -24.57
N THR A 160 -15.70 8.47 -24.59
CA THR A 160 -16.45 9.17 -23.56
C THR A 160 -16.20 8.53 -22.21
N LYS A 161 -15.84 9.33 -21.22
CA LYS A 161 -15.76 8.84 -19.86
C LYS A 161 -17.05 9.20 -19.13
N TYR A 162 -17.42 8.38 -18.15
CA TYR A 162 -18.60 8.60 -17.33
C TYR A 162 -18.22 8.59 -15.86
N LEU A 163 -18.68 9.57 -15.09
CA LEU A 163 -18.40 9.59 -13.66
C LEU A 163 -19.18 8.50 -12.94
N ALA A 164 -18.47 7.70 -12.14
CA ALA A 164 -19.08 6.57 -11.48
C ALA A 164 -19.31 6.85 -10.02
N THR A 165 -20.26 6.16 -9.42
CA THR A 165 -20.47 6.29 -7.98
C THR A 165 -20.09 4.98 -7.32
N VAL A 166 -19.25 5.08 -6.31
CA VAL A 166 -18.85 3.91 -5.54
C VAL A 166 -19.92 3.54 -4.51
N LEU A 167 -20.60 2.42 -4.75
CA LEU A 167 -21.65 1.96 -3.84
C LEU A 167 -21.10 1.18 -2.65
N ALA A 168 -20.11 0.33 -2.90
CA ALA A 168 -19.56 -0.53 -1.86
C ALA A 168 -18.18 -1.01 -2.26
N ILE A 169 -17.25 -0.95 -1.30
CA ILE A 169 -15.91 -1.47 -1.51
C ILE A 169 -15.65 -2.62 -0.57
N GLY A 170 -15.41 -3.81 -1.12
CA GLY A 170 -15.18 -4.99 -0.31
C GLY A 170 -13.95 -4.92 0.59
N THR A 171 -13.98 -5.63 1.70
CA THR A 171 -12.78 -5.77 2.53
C THR A 171 -12.44 -7.25 2.74
N GLU A 172 -13.48 -8.09 2.75
CA GLU A 172 -13.29 -9.54 2.83
C GLU A 172 -12.90 -10.11 1.46
N CYS A 173 -13.04 -9.30 0.42
CA CYS A 173 -12.64 -9.69 -0.92
C CYS A 173 -12.42 -8.45 -1.78
N ASP A 174 -11.64 -8.61 -2.85
CA ASP A 174 -11.24 -7.49 -3.71
C ASP A 174 -12.32 -7.15 -4.75
N ILE A 175 -13.54 -6.89 -4.29
CA ILE A 175 -14.63 -6.54 -5.18
C ILE A 175 -15.20 -5.18 -4.83
N ALA A 176 -15.52 -4.39 -5.84
CA ALA A 176 -16.24 -3.14 -5.61
C ALA A 176 -17.49 -3.09 -6.48
N LEU A 177 -18.56 -2.53 -5.93
CA LEU A 177 -19.81 -2.39 -6.68
C LEU A 177 -20.01 -0.93 -7.09
N LEU A 178 -20.27 -0.69 -8.37
CA LEU A 178 -20.39 0.69 -8.87
C LEU A 178 -21.69 0.97 -9.58
N THR A 179 -22.00 2.25 -9.72
CA THR A 179 -23.09 2.70 -10.58
C THR A 179 -22.77 4.06 -11.22
N VAL A 180 -23.53 4.39 -12.26
CA VAL A 180 -23.32 5.61 -13.03
C VAL A 180 -24.63 6.34 -13.21
N THR A 181 -24.65 7.64 -12.92
CA THR A 181 -25.89 8.41 -12.98
C THR A 181 -26.38 8.63 -14.41
N ASP A 182 -25.46 9.02 -15.29
CA ASP A 182 -25.76 9.21 -16.70
C ASP A 182 -26.55 8.03 -17.30
N ASP A 183 -27.76 8.31 -17.78
CA ASP A 183 -28.61 7.27 -18.37
C ASP A 183 -28.05 6.73 -19.67
N GLU A 184 -27.28 7.55 -20.38
CA GLU A 184 -26.71 7.15 -21.67
C GLU A 184 -25.65 6.06 -21.50
N PHE A 185 -25.09 5.96 -20.30
CA PHE A 185 -24.12 4.91 -20.01
C PHE A 185 -24.75 3.53 -20.14
N TRP A 186 -25.99 3.40 -19.68
CA TRP A 186 -26.66 2.11 -19.62
C TRP A 186 -27.36 1.78 -20.92
N GLU A 187 -27.66 2.81 -21.71
CA GLU A 187 -28.43 2.63 -22.94
C GLU A 187 -27.76 1.69 -23.93
N GLY A 188 -28.54 0.71 -24.40
CA GLY A 188 -28.08 -0.20 -25.44
C GLY A 188 -26.92 -1.08 -25.01
N VAL A 189 -27.02 -1.62 -23.80
CA VAL A 189 -26.00 -2.54 -23.28
C VAL A 189 -26.66 -3.69 -22.54
N SER A 190 -26.45 -4.91 -23.01
CA SER A 190 -26.94 -6.09 -22.30
C SER A 190 -25.95 -6.51 -21.22
N PRO A 191 -26.39 -6.52 -19.95
CA PRO A 191 -25.51 -6.87 -18.83
C PRO A 191 -25.06 -8.32 -18.91
N VAL A 192 -24.01 -8.69 -18.18
CA VAL A 192 -23.51 -10.07 -18.27
C VAL A 192 -24.50 -11.00 -17.61
N GLU A 193 -24.52 -12.25 -18.05
CA GLU A 193 -25.35 -13.26 -17.41
C GLU A 193 -24.45 -14.33 -16.77
N PHE A 194 -24.63 -14.56 -15.47
CA PHE A 194 -23.83 -15.56 -14.76
C PHE A 194 -24.25 -17.00 -15.08
N GLY A 195 -23.30 -17.94 -15.02
CA GLY A 195 -23.54 -19.33 -15.37
C GLY A 195 -23.11 -20.32 -14.31
N ASP A 196 -23.14 -21.60 -14.66
CA ASP A 196 -22.80 -22.69 -13.74
C ASP A 196 -21.42 -22.52 -13.11
N LEU A 197 -21.28 -22.96 -11.87
CA LEU A 197 -19.98 -23.07 -11.24
C LEU A 197 -19.07 -23.90 -12.13
N PRO A 198 -17.85 -23.41 -12.37
CA PRO A 198 -16.90 -24.12 -13.23
C PRO A 198 -16.18 -25.23 -12.46
N ALA A 199 -15.65 -26.21 -13.17
CA ALA A 199 -14.91 -27.29 -12.56
C ALA A 199 -13.46 -27.26 -13.02
N LEU A 200 -12.63 -28.06 -12.37
CA LEU A 200 -11.23 -28.20 -12.78
C LEU A 200 -11.16 -28.55 -14.26
N GLN A 201 -10.21 -27.91 -14.94
CA GLN A 201 -9.93 -28.12 -16.36
C GLN A 201 -10.95 -27.49 -17.31
N ASP A 202 -11.91 -26.76 -16.76
CA ASP A 202 -12.84 -25.99 -17.58
C ASP A 202 -12.09 -24.92 -18.33
N ALA A 203 -12.45 -24.74 -19.61
CA ALA A 203 -11.92 -23.64 -20.39
C ALA A 203 -12.68 -22.37 -20.03
N VAL A 204 -11.92 -21.32 -19.70
CA VAL A 204 -12.52 -20.02 -19.45
C VAL A 204 -11.92 -18.96 -20.35
N THR A 205 -12.63 -17.83 -20.46
CA THR A 205 -12.17 -16.70 -21.25
C THR A 205 -12.27 -15.41 -20.42
N VAL A 206 -11.20 -14.62 -20.41
CA VAL A 206 -11.14 -13.40 -19.61
C VAL A 206 -11.05 -12.15 -20.47
N VAL A 207 -11.97 -11.21 -20.26
CA VAL A 207 -12.10 -10.05 -21.13
C VAL A 207 -11.78 -8.79 -20.36
N GLY A 208 -10.95 -7.93 -20.93
CA GLY A 208 -10.57 -6.70 -20.23
C GLY A 208 -9.72 -5.76 -21.05
N TYR A 209 -9.34 -4.65 -20.44
CA TYR A 209 -8.55 -3.61 -21.12
C TYR A 209 -7.17 -3.57 -20.53
N PRO A 210 -6.16 -3.97 -21.33
CA PRO A 210 -4.77 -3.85 -20.89
C PRO A 210 -4.46 -2.40 -20.52
N ILE A 211 -3.62 -2.21 -19.52
CA ILE A 211 -3.33 -0.86 -19.05
C ILE A 211 -2.61 -0.04 -20.12
N GLY A 212 -2.99 1.24 -20.23
CA GLY A 212 -2.36 2.15 -21.17
C GLY A 212 -3.12 2.33 -22.47
N GLY A 213 -3.99 1.37 -22.78
CA GLY A 213 -4.72 1.38 -24.03
C GLY A 213 -6.22 1.34 -23.86
N ASP A 214 -6.96 1.60 -24.94
CA ASP A 214 -8.42 1.60 -24.89
C ASP A 214 -9.04 0.39 -25.61
N THR A 215 -8.20 -0.48 -26.15
CA THR A 215 -8.65 -1.66 -26.88
C THR A 215 -8.90 -2.82 -25.93
N ILE A 216 -9.82 -3.70 -26.32
CA ILE A 216 -10.23 -4.83 -25.49
C ILE A 216 -9.36 -6.06 -25.71
N SER A 217 -8.96 -6.71 -24.62
CA SER A 217 -8.16 -7.93 -24.70
C SER A 217 -8.98 -9.16 -24.30
N VAL A 218 -8.73 -10.28 -24.97
CA VAL A 218 -9.42 -11.53 -24.66
C VAL A 218 -8.44 -12.68 -24.43
N THR A 219 -8.31 -13.12 -23.19
CA THR A 219 -7.31 -14.11 -22.81
C THR A 219 -7.92 -15.47 -22.51
N SER A 220 -7.37 -16.51 -23.13
CA SER A 220 -7.78 -17.89 -22.86
C SER A 220 -7.18 -18.41 -21.56
N GLY A 221 -7.84 -19.37 -20.94
CA GLY A 221 -7.32 -20.00 -19.74
C GLY A 221 -8.14 -21.18 -19.26
N VAL A 222 -7.53 -22.03 -18.43
CA VAL A 222 -8.27 -23.15 -17.84
C VAL A 222 -8.15 -23.19 -16.31
N VAL A 223 -9.23 -23.57 -15.63
CA VAL A 223 -9.24 -23.67 -14.18
C VAL A 223 -8.23 -24.72 -13.71
N SER A 224 -7.19 -24.26 -13.02
CA SER A 224 -6.10 -25.15 -12.64
C SER A 224 -6.17 -25.55 -11.17
N ARG A 225 -6.81 -24.70 -10.37
CA ARG A 225 -6.92 -24.97 -8.94
C ARG A 225 -8.20 -24.34 -8.40
N MET A 226 -8.76 -24.97 -7.37
CA MET A 226 -9.96 -24.48 -6.70
C MET A 226 -9.72 -24.42 -5.21
N GLU A 227 -10.09 -23.30 -4.59
CA GLU A 227 -10.04 -23.21 -3.14
C GLU A 227 -11.47 -23.34 -2.63
N ILE A 228 -11.67 -24.21 -1.65
CA ILE A 228 -13.01 -24.59 -1.23
C ILE A 228 -13.21 -24.40 0.27
N LEU A 229 -14.31 -23.76 0.61
CA LEU A 229 -14.63 -23.44 1.99
C LEU A 229 -15.52 -24.53 2.56
N SER A 230 -15.36 -24.83 3.84
CA SER A 230 -16.17 -25.85 4.48
C SER A 230 -16.89 -25.33 5.70
N TYR A 231 -18.09 -25.84 5.92
CA TYR A 231 -18.94 -25.37 7.01
C TYR A 231 -18.98 -26.39 8.15
N VAL A 232 -19.44 -25.94 9.31
CA VAL A 232 -19.40 -26.76 10.53
C VAL A 232 -20.31 -27.98 10.47
N HIS A 233 -20.96 -28.19 9.32
CA HIS A 233 -21.87 -29.31 9.14
C HIS A 233 -21.50 -30.19 7.93
N GLY A 234 -20.48 -29.78 7.18
CA GLY A 234 -20.00 -30.56 6.05
C GLY A 234 -20.38 -30.04 4.67
N SER A 235 -20.92 -28.82 4.63
CA SER A 235 -21.28 -28.17 3.36
C SER A 235 -20.04 -27.56 2.71
N THR A 236 -20.08 -27.37 1.41
CA THR A 236 -18.93 -26.81 0.71
C THR A 236 -19.31 -25.68 -0.24
N GLU A 237 -18.44 -24.69 -0.34
CA GLU A 237 -18.69 -23.54 -1.18
C GLU A 237 -17.39 -23.15 -1.88
N LEU A 238 -17.51 -22.78 -3.14
CA LEU A 238 -16.37 -22.33 -3.93
C LEU A 238 -15.91 -20.98 -3.40
N LEU A 239 -14.61 -20.87 -3.13
CA LEU A 239 -14.05 -19.66 -2.55
C LEU A 239 -13.17 -18.95 -3.56
N GLY A 240 -12.33 -19.70 -4.25
CA GLY A 240 -11.42 -19.13 -5.23
C GLY A 240 -11.15 -20.04 -6.41
N LEU A 241 -10.75 -19.43 -7.52
CA LEU A 241 -10.35 -20.18 -8.72
C LEU A 241 -8.99 -19.69 -9.20
N GLN A 242 -8.20 -20.62 -9.70
CA GLN A 242 -6.93 -20.26 -10.31
C GLN A 242 -6.94 -20.72 -11.76
N ILE A 243 -6.42 -19.90 -12.65
CA ILE A 243 -6.31 -20.30 -14.04
C ILE A 243 -4.87 -20.28 -14.52
N ASP A 244 -4.57 -21.13 -15.49
CA ASP A 244 -3.21 -21.30 -15.99
C ASP A 244 -2.87 -20.27 -17.06
N ALA A 245 -3.36 -19.05 -16.87
CA ALA A 245 -3.07 -17.95 -17.78
C ALA A 245 -2.71 -16.71 -16.98
N ALA A 246 -1.72 -15.97 -17.45
CA ALA A 246 -1.41 -14.70 -16.81
C ALA A 246 -2.43 -13.66 -17.21
N ILE A 247 -2.95 -12.96 -16.22
CA ILE A 247 -3.87 -11.87 -16.45
C ILE A 247 -3.09 -10.58 -16.35
N ASN A 248 -3.05 -9.82 -17.43
CA ASN A 248 -2.25 -8.60 -17.41
C ASN A 248 -2.95 -7.50 -16.62
N SER A 249 -2.13 -6.64 -16.01
CA SER A 249 -2.56 -5.63 -15.03
C SER A 249 -3.94 -5.00 -15.23
N GLY A 250 -4.14 -4.35 -16.37
CA GLY A 250 -5.37 -3.63 -16.63
C GLY A 250 -6.62 -4.48 -16.66
N ASN A 251 -6.44 -5.80 -16.77
CA ASN A 251 -7.56 -6.72 -16.90
C ASN A 251 -8.27 -7.05 -15.60
N SER A 252 -7.62 -6.77 -14.48
CA SER A 252 -8.22 -7.03 -13.18
C SER A 252 -9.54 -6.30 -13.02
N GLY A 253 -10.59 -7.06 -12.72
CA GLY A 253 -11.90 -6.48 -12.57
C GLY A 253 -12.83 -6.87 -13.70
N GLY A 254 -12.24 -7.28 -14.83
CA GLY A 254 -13.01 -7.73 -15.96
C GLY A 254 -13.65 -9.08 -15.67
N PRO A 255 -14.57 -9.49 -16.55
CA PRO A 255 -15.31 -10.74 -16.33
C PRO A 255 -14.57 -11.97 -16.86
N ALA A 256 -14.93 -13.13 -16.32
CA ALA A 256 -14.43 -14.39 -16.80
C ALA A 256 -15.63 -15.21 -17.29
N PHE A 257 -15.52 -15.81 -18.46
CA PHE A 257 -16.64 -16.52 -19.06
C PHE A 257 -16.36 -18.00 -19.26
N ASN A 258 -17.40 -18.82 -19.22
CA ASN A 258 -17.25 -20.23 -19.56
C ASN A 258 -17.43 -20.43 -21.05
N ASP A 259 -17.40 -21.69 -21.48
CA ASP A 259 -17.57 -22.04 -22.89
C ASP A 259 -18.87 -21.47 -23.46
N LYS A 260 -19.90 -21.38 -22.62
CA LYS A 260 -21.21 -20.91 -23.05
C LYS A 260 -21.38 -19.39 -22.95
N GLY A 261 -20.29 -18.66 -22.73
CA GLY A 261 -20.34 -17.21 -22.74
C GLY A 261 -20.95 -16.56 -21.51
N LYS A 262 -21.32 -17.36 -20.52
CA LYS A 262 -21.89 -16.82 -19.30
C LYS A 262 -20.80 -16.47 -18.29
N CYS A 263 -21.00 -15.38 -17.55
CA CYS A 263 -19.98 -14.95 -16.60
C CYS A 263 -19.83 -15.94 -15.47
N VAL A 264 -18.63 -16.06 -14.94
CA VAL A 264 -18.36 -17.12 -14.00
C VAL A 264 -17.42 -16.63 -12.91
N GLY A 265 -17.18 -15.33 -12.90
CA GLY A 265 -16.42 -14.70 -11.83
C GLY A 265 -15.76 -13.41 -12.29
N ILE A 266 -14.97 -12.80 -11.41
CA ILE A 266 -14.21 -11.60 -11.75
C ILE A 266 -12.74 -11.96 -11.85
N ALA A 267 -12.05 -11.43 -12.86
CA ALA A 267 -10.66 -11.81 -13.10
C ALA A 267 -9.67 -10.91 -12.37
N PHE A 268 -8.57 -11.51 -11.90
CA PHE A 268 -7.53 -10.81 -11.15
C PHE A 268 -6.14 -11.30 -11.51
N GLN A 269 -5.14 -10.42 -11.46
CA GLN A 269 -3.76 -10.84 -11.65
C GLN A 269 -3.10 -11.12 -10.31
N SER A 270 -2.14 -12.05 -10.32
CA SER A 270 -1.36 -12.36 -9.12
C SER A 270 -0.37 -11.25 -8.87
N LEU A 271 -0.45 -10.64 -7.70
CA LEU A 271 0.42 -9.51 -7.40
C LEU A 271 1.83 -9.97 -6.98
N LYS A 272 1.91 -11.19 -6.47
CA LYS A 272 3.19 -11.85 -6.19
C LYS A 272 2.88 -13.32 -5.99
N HIS A 273 3.27 -14.21 -6.90
CA HIS A 273 4.21 -13.99 -8.01
C HIS A 273 3.79 -13.10 -9.19
N GLU A 274 4.72 -12.92 -10.13
CA GLU A 274 4.57 -12.02 -11.26
C GLU A 274 5.79 -12.14 -12.19
N ASP A 275 5.57 -12.29 -13.49
CA ASP A 275 4.24 -12.30 -14.11
C ASP A 275 4.03 -13.55 -14.94
N ALA A 276 5.01 -13.85 -15.80
CA ALA A 276 4.91 -14.99 -16.71
C ALA A 276 5.10 -16.32 -15.96
N GLU A 277 4.47 -16.44 -14.81
CA GLU A 277 4.39 -17.73 -14.12
C GLU A 277 3.12 -18.38 -14.64
N ASN A 278 2.38 -17.62 -15.44
CA ASN A 278 1.14 -18.08 -16.07
C ASN A 278 0.05 -18.42 -15.05
N ILE A 279 0.04 -17.70 -13.94
CA ILE A 279 -0.96 -17.92 -12.91
C ILE A 279 -1.94 -16.76 -12.88
N GLY A 280 -3.22 -17.08 -12.79
CA GLY A 280 -4.26 -16.06 -12.73
C GLY A 280 -5.37 -16.44 -11.76
N TYR A 281 -5.98 -15.44 -11.14
CA TYR A 281 -7.04 -15.69 -10.15
C TYR A 281 -8.41 -15.22 -10.62
N VAL A 282 -9.44 -15.94 -10.18
CA VAL A 282 -10.82 -15.57 -10.45
C VAL A 282 -11.63 -15.74 -9.17
N ILE A 283 -12.40 -14.73 -8.82
CA ILE A 283 -13.30 -14.86 -7.68
C ILE A 283 -14.61 -15.41 -8.21
N PRO A 284 -15.03 -16.57 -7.71
CA PRO A 284 -16.21 -17.23 -8.28
C PRO A 284 -17.49 -16.58 -7.81
N THR A 285 -18.60 -16.93 -8.44
CA THR A 285 -19.88 -16.27 -8.18
C THR A 285 -20.42 -16.32 -6.74
N PRO A 286 -20.26 -17.45 -6.02
CA PRO A 286 -20.75 -17.45 -4.63
C PRO A 286 -20.21 -16.29 -3.80
N VAL A 287 -18.95 -15.93 -4.01
CA VAL A 287 -18.36 -14.84 -3.25
C VAL A 287 -18.96 -13.51 -3.69
N ILE A 288 -19.15 -13.36 -5.00
CA ILE A 288 -19.78 -12.17 -5.54
C ILE A 288 -21.18 -12.03 -4.96
N VAL A 289 -21.91 -13.15 -4.91
CA VAL A 289 -23.24 -13.17 -4.35
C VAL A 289 -23.27 -12.77 -2.87
N HIS A 290 -22.32 -13.28 -2.09
CA HIS A 290 -22.23 -12.88 -0.70
C HIS A 290 -21.94 -11.39 -0.57
N PHE A 291 -21.10 -10.87 -1.46
CA PHE A 291 -20.73 -9.47 -1.44
C PHE A 291 -21.96 -8.58 -1.66
N ILE A 292 -22.81 -9.00 -2.58
CA ILE A 292 -23.96 -8.21 -2.95
C ILE A 292 -25.08 -8.32 -1.93
N GLN A 293 -25.32 -9.54 -1.45
CA GLN A 293 -26.27 -9.76 -0.37
C GLN A 293 -25.89 -8.96 0.87
N ASP A 294 -24.60 -8.97 1.22
CA ASP A 294 -24.14 -8.16 2.34
C ASP A 294 -24.26 -6.67 2.06
N TYR A 295 -24.31 -6.29 0.78
CA TYR A 295 -24.53 -4.88 0.44
C TYR A 295 -25.98 -4.51 0.66
N GLU A 296 -26.87 -5.24 -0.01
CA GLU A 296 -28.30 -4.99 0.06
C GLU A 296 -28.83 -5.05 1.50
N LYS A 297 -28.42 -6.06 2.25
CA LYS A 297 -28.81 -6.19 3.65
C LYS A 297 -28.01 -5.23 4.54
N MET B 99 21.88 7.60 22.39
CA MET B 99 21.78 6.15 22.27
C MET B 99 20.77 5.54 23.25
N ASP B 100 20.68 6.13 24.44
CA ASP B 100 19.63 5.78 25.38
C ASP B 100 18.34 6.48 25.01
N ALA B 101 18.41 7.31 23.97
CA ALA B 101 17.24 8.03 23.48
C ALA B 101 16.54 7.26 22.37
N VAL B 102 17.14 6.16 21.94
CA VAL B 102 16.61 5.38 20.83
C VAL B 102 15.60 4.34 21.31
N VAL B 103 14.34 4.53 20.93
CA VAL B 103 13.26 3.64 21.35
C VAL B 103 12.75 2.75 20.22
N LYS B 104 12.17 1.62 20.60
CA LYS B 104 11.57 0.68 19.65
C LYS B 104 10.08 0.96 19.50
N VAL B 105 9.59 0.92 18.25
CA VAL B 105 8.19 1.21 17.98
C VAL B 105 7.39 -0.05 17.60
N PHE B 106 6.29 -0.27 18.32
CA PHE B 106 5.38 -1.38 18.01
C PHE B 106 4.07 -0.85 17.43
N CYS B 107 3.66 -1.38 16.28
CA CYS B 107 2.37 -1.05 15.70
C CYS B 107 1.83 -2.18 14.86
N VAL B 108 0.59 -2.04 14.40
CA VAL B 108 -0.04 -3.06 13.57
C VAL B 108 -0.03 -2.64 12.10
N HIS B 109 0.63 -3.44 11.28
CA HIS B 109 0.79 -3.14 9.87
C HIS B 109 -0.21 -3.93 9.03
N THR B 110 -1.14 -3.22 8.40
CA THR B 110 -2.08 -3.85 7.48
C THR B 110 -1.54 -3.77 6.05
N GLU B 111 -1.28 -4.92 5.43
CA GLU B 111 -0.68 -4.97 4.11
C GLU B 111 -1.49 -4.20 3.06
N PRO B 112 -0.80 -3.65 2.05
CA PRO B 112 -1.47 -2.79 1.07
C PRO B 112 -2.30 -3.56 0.04
N ASN B 113 -1.95 -4.83 -0.20
CA ASN B 113 -2.61 -5.63 -1.23
C ASN B 113 -3.36 -6.83 -0.71
N PHE B 114 -4.44 -7.17 -1.40
CA PHE B 114 -5.05 -8.47 -1.23
C PHE B 114 -4.03 -9.45 -1.77
N SER B 115 -3.68 -10.47 -1.01
CA SER B 115 -2.69 -11.43 -1.47
C SER B 115 -3.40 -12.53 -2.22
N LEU B 116 -4.70 -12.63 -1.98
CA LEU B 116 -5.60 -13.45 -2.77
C LEU B 116 -6.89 -12.70 -2.83
N PRO B 117 -7.48 -12.58 -4.03
CA PRO B 117 -8.65 -11.72 -4.23
C PRO B 117 -9.88 -12.12 -3.40
N TRP B 118 -9.90 -13.35 -2.88
CA TRP B 118 -11.04 -13.82 -2.11
C TRP B 118 -10.77 -13.82 -0.62
N GLN B 119 -9.68 -13.20 -0.22
CA GLN B 119 -9.31 -13.15 1.19
C GLN B 119 -9.11 -11.74 1.68
N ARG B 120 -9.56 -11.49 2.90
CA ARG B 120 -9.29 -10.25 3.62
C ARG B 120 -7.81 -9.90 3.54
N LYS B 121 -7.52 -8.60 3.55
CA LYS B 121 -6.12 -8.15 3.54
C LYS B 121 -5.34 -8.68 4.74
N ARG B 122 -4.16 -9.22 4.48
CA ARG B 122 -3.34 -9.79 5.54
C ARG B 122 -2.80 -8.68 6.42
N GLN B 123 -2.97 -8.82 7.73
CA GLN B 123 -2.38 -7.87 8.66
C GLN B 123 -1.64 -8.60 9.77
N TYR B 124 -0.64 -7.93 10.34
CA TYR B 124 0.13 -8.46 11.46
C TYR B 124 0.94 -7.37 12.13
N SER B 125 1.37 -7.63 13.35
CA SER B 125 2.15 -6.66 14.11
C SER B 125 3.56 -6.48 13.53
N SER B 126 4.01 -5.24 13.50
CA SER B 126 5.28 -4.89 12.87
C SER B 126 6.22 -4.17 13.85
N GLY B 127 7.48 -4.01 13.43
CA GLY B 127 8.45 -3.30 14.22
C GLY B 127 8.96 -2.07 13.49
N SER B 128 9.47 -1.11 14.26
CA SER B 128 9.98 0.12 13.69
C SER B 128 10.84 0.77 14.76
N SER B 129 11.50 1.87 14.42
CA SER B 129 12.39 2.54 15.37
C SER B 129 12.09 4.02 15.44
N GLY B 130 12.50 4.64 16.55
CA GLY B 130 12.33 6.06 16.75
C GLY B 130 13.33 6.57 17.78
N PHE B 131 13.30 7.87 18.04
CA PHE B 131 14.22 8.44 19.03
C PHE B 131 13.68 9.70 19.70
N ILE B 132 14.08 9.88 20.96
CA ILE B 132 13.59 10.99 21.78
C ILE B 132 14.30 12.31 21.49
N ILE B 133 13.51 13.33 21.16
CA ILE B 133 14.06 14.68 21.04
C ILE B 133 13.57 15.53 22.19
N GLY B 134 14.01 16.78 22.21
CA GLY B 134 13.65 17.68 23.29
C GLY B 134 12.18 18.03 23.30
N GLY B 135 11.65 18.28 24.49
CA GLY B 135 10.28 18.73 24.63
C GLY B 135 9.29 17.59 24.70
N ARG B 136 9.70 16.48 25.31
CA ARG B 136 8.85 15.31 25.46
C ARG B 136 8.27 14.85 24.12
N ARG B 137 9.12 14.81 23.10
CA ARG B 137 8.69 14.35 21.78
C ARG B 137 9.54 13.19 21.28
N VAL B 138 8.90 12.28 20.54
CA VAL B 138 9.61 11.17 19.92
C VAL B 138 9.44 11.21 18.42
N LEU B 139 10.55 11.21 17.69
CA LEU B 139 10.51 11.15 16.23
C LEU B 139 10.50 9.70 15.77
N THR B 140 9.85 9.46 14.63
CA THR B 140 9.85 8.15 13.97
C THR B 140 9.32 8.35 12.57
N ASN B 141 9.18 7.27 11.81
CA ASN B 141 8.64 7.40 10.47
C ASN B 141 7.12 7.39 10.45
N ALA B 142 6.53 7.98 9.41
CA ALA B 142 5.09 7.97 9.28
C ALA B 142 4.57 6.60 8.86
N HIS B 143 5.26 5.97 7.90
CA HIS B 143 4.78 4.73 7.28
C HIS B 143 4.58 3.55 8.24
N SER B 144 4.84 3.74 9.53
CA SER B 144 4.63 2.67 10.51
C SER B 144 3.48 2.99 11.46
N VAL B 145 2.94 4.20 11.37
CA VAL B 145 1.87 4.61 12.26
C VAL B 145 0.63 5.09 11.51
N GLU B 146 0.59 4.80 10.21
CA GLU B 146 -0.57 5.15 9.39
C GLU B 146 -1.70 4.15 9.60
N HIS B 147 -2.93 4.68 9.65
CA HIS B 147 -4.14 3.89 9.93
C HIS B 147 -4.08 3.22 11.30
N HIS B 148 -3.19 3.71 12.15
CA HIS B 148 -2.93 3.12 13.46
C HIS B 148 -4.19 3.06 14.30
N THR B 149 -4.23 2.10 15.22
CA THR B 149 -5.22 2.11 16.27
C THR B 149 -4.51 2.52 17.56
N GLN B 150 -3.29 2.02 17.73
CA GLN B 150 -2.48 2.32 18.91
C GLN B 150 -1.02 1.98 18.69
N VAL B 151 -0.13 2.92 18.99
CA VAL B 151 1.30 2.67 18.89
C VAL B 151 1.95 2.63 20.26
N LYS B 152 2.75 1.60 20.49
CA LYS B 152 3.38 1.39 21.78
C LYS B 152 4.90 1.47 21.67
N LEU B 153 5.54 2.18 22.60
CA LEU B 153 6.99 2.35 22.59
C LEU B 153 7.67 1.50 23.65
N LYS B 154 9.00 1.48 23.62
CA LYS B 154 9.78 0.66 24.54
C LYS B 154 11.22 1.17 24.58
N LYS B 155 11.74 1.36 25.78
CA LYS B 155 13.12 1.80 25.97
C LYS B 155 14.07 0.60 26.03
N ARG B 156 15.37 0.89 26.07
CA ARG B 156 16.40 -0.14 25.85
C ARG B 156 16.41 -1.28 26.89
N GLY B 157 16.67 -0.92 28.15
CA GLY B 157 16.85 -1.92 29.17
C GLY B 157 15.55 -2.46 29.75
N SER B 158 14.50 -1.67 29.65
CA SER B 158 13.20 -2.04 30.21
C SER B 158 12.42 -2.96 29.27
N ASP B 159 11.50 -3.73 29.84
CA ASP B 159 10.59 -4.56 29.06
C ASP B 159 9.23 -3.89 29.00
N THR B 160 9.05 -2.88 29.85
CA THR B 160 7.81 -2.12 29.91
C THR B 160 7.50 -1.39 28.61
N LYS B 161 6.31 -1.62 28.08
CA LYS B 161 5.82 -0.85 26.93
C LYS B 161 5.05 0.38 27.40
N TYR B 162 5.04 1.42 26.58
CA TYR B 162 4.32 2.63 26.91
C TYR B 162 3.38 2.99 25.76
N LEU B 163 2.28 3.67 26.07
CA LEU B 163 1.32 4.05 25.05
C LEU B 163 1.65 5.42 24.47
N ALA B 164 2.06 5.43 23.20
CA ALA B 164 2.42 6.66 22.54
C ALA B 164 1.20 7.38 21.99
N THR B 165 1.35 8.68 21.76
CA THR B 165 0.25 9.49 21.23
C THR B 165 0.69 10.21 19.95
N VAL B 166 0.11 9.79 18.83
CA VAL B 166 0.43 10.38 17.55
C VAL B 166 0.07 11.86 17.47
N LEU B 167 1.08 12.73 17.47
CA LEU B 167 0.85 14.17 17.34
C LEU B 167 0.64 14.61 15.90
N ALA B 168 1.44 14.06 15.00
CA ALA B 168 1.35 14.43 13.58
C ALA B 168 1.95 13.35 12.69
N ILE B 169 1.41 13.23 11.48
CA ILE B 169 1.91 12.27 10.51
C ILE B 169 2.14 12.96 9.17
N GLY B 170 3.40 13.01 8.76
CA GLY B 170 3.78 13.72 7.54
C GLY B 170 3.29 13.04 6.28
N THR B 171 3.12 13.83 5.23
CA THR B 171 2.67 13.33 3.94
C THR B 171 3.63 13.83 2.87
N GLU B 172 4.37 14.88 3.21
CA GLU B 172 5.38 15.43 2.33
C GLU B 172 6.70 14.69 2.57
N CYS B 173 6.81 14.11 3.76
CA CYS B 173 8.00 13.37 4.18
C CYS B 173 7.60 12.24 5.14
N ASP B 174 8.43 11.21 5.23
CA ASP B 174 8.06 10.02 6.00
C ASP B 174 8.43 10.21 7.48
N ILE B 175 7.80 11.18 8.13
CA ILE B 175 8.12 11.50 9.52
C ILE B 175 6.86 11.55 10.36
N ALA B 176 6.89 10.90 11.52
CA ALA B 176 5.80 10.99 12.49
C ALA B 176 6.31 11.59 13.80
N LEU B 177 5.46 12.38 14.43
CA LEU B 177 5.79 13.03 15.70
C LEU B 177 4.92 12.45 16.81
N LEU B 178 5.55 11.82 17.80
CA LEU B 178 4.80 11.16 18.87
C LEU B 178 5.06 11.80 20.22
N THR B 179 4.25 11.40 21.20
CA THR B 179 4.48 11.76 22.59
C THR B 179 3.89 10.69 23.51
N VAL B 180 4.28 10.72 24.78
CA VAL B 180 3.78 9.79 25.77
C VAL B 180 3.27 10.56 26.98
N THR B 181 2.11 10.18 27.49
CA THR B 181 1.51 10.87 28.62
C THR B 181 2.17 10.49 29.94
N ASP B 182 2.53 9.21 30.06
CA ASP B 182 3.25 8.73 31.24
C ASP B 182 4.54 9.52 31.40
N ASP B 183 4.90 9.82 32.64
CA ASP B 183 6.09 10.61 32.91
C ASP B 183 7.28 9.72 33.26
N GLU B 184 6.98 8.48 33.59
CA GLU B 184 7.99 7.47 33.90
C GLU B 184 8.82 7.18 32.64
N PHE B 185 8.22 7.47 31.49
CA PHE B 185 8.87 7.32 30.20
C PHE B 185 10.04 8.28 30.06
N TRP B 186 9.79 9.56 30.34
CA TRP B 186 10.78 10.60 30.12
C TRP B 186 11.79 10.72 31.25
N GLU B 187 11.58 9.95 32.30
CA GLU B 187 12.48 9.99 33.46
C GLU B 187 13.83 9.37 33.15
N GLY B 188 14.88 10.16 33.34
CA GLY B 188 16.26 9.68 33.20
C GLY B 188 16.65 9.29 31.79
N VAL B 189 16.22 10.08 30.81
CA VAL B 189 16.62 9.88 29.42
C VAL B 189 16.98 11.19 28.77
N SER B 190 18.12 11.22 28.08
CA SER B 190 18.60 12.44 27.46
C SER B 190 18.29 12.47 25.96
N PRO B 191 17.55 13.49 25.53
CA PRO B 191 17.24 13.67 24.10
C PRO B 191 18.50 13.80 23.27
N VAL B 192 18.42 13.41 22.00
CA VAL B 192 19.58 13.48 21.12
C VAL B 192 19.90 14.94 20.83
N GLU B 193 21.13 15.21 20.41
CA GLU B 193 21.52 16.56 20.03
C GLU B 193 21.78 16.60 18.53
N PHE B 194 21.33 17.67 17.88
CA PHE B 194 21.46 17.77 16.43
C PHE B 194 22.73 18.52 16.02
N GLY B 195 23.66 17.80 15.38
CA GLY B 195 24.92 18.37 14.97
C GLY B 195 24.98 18.83 13.53
N ASP B 196 26.19 19.15 13.06
CA ASP B 196 26.39 19.76 11.75
C ASP B 196 25.96 18.83 10.63
N LEU B 197 25.42 19.43 9.57
CA LEU B 197 25.08 18.68 8.35
C LEU B 197 26.30 17.97 7.82
N PRO B 198 26.17 16.69 7.47
CA PRO B 198 27.29 15.91 6.94
C PRO B 198 27.64 16.29 5.51
N ALA B 199 28.83 15.89 5.08
CA ALA B 199 29.28 16.13 3.71
C ALA B 199 29.38 14.79 3.00
N LEU B 200 29.63 14.83 1.70
CA LEU B 200 29.81 13.61 0.94
C LEU B 200 30.97 12.81 1.52
N GLN B 201 30.82 11.49 1.51
CA GLN B 201 31.81 10.56 2.06
C GLN B 201 31.96 10.60 3.58
N ASP B 202 31.19 11.47 4.24
CA ASP B 202 31.16 11.48 5.71
C ASP B 202 30.58 10.20 6.27
N ALA B 203 31.23 9.65 7.28
CA ALA B 203 30.71 8.45 7.93
C ALA B 203 29.50 8.84 8.76
N VAL B 204 28.45 8.03 8.65
CA VAL B 204 27.31 8.18 9.53
C VAL B 204 27.06 6.88 10.25
N THR B 205 26.31 6.97 11.34
CA THR B 205 25.98 5.79 12.11
C THR B 205 24.48 5.78 12.30
N VAL B 206 23.87 4.63 12.04
CA VAL B 206 22.43 4.49 12.18
C VAL B 206 22.11 3.52 13.30
N VAL B 207 21.33 3.99 14.27
CA VAL B 207 21.00 3.19 15.45
C VAL B 207 19.52 2.85 15.44
N GLY B 208 19.21 1.57 15.50
CA GLY B 208 17.82 1.14 15.54
C GLY B 208 17.65 -0.27 16.05
N TYR B 209 16.39 -0.67 16.21
CA TYR B 209 16.06 -2.04 16.62
C TYR B 209 15.65 -2.85 15.40
N PRO B 210 16.43 -3.87 15.05
CA PRO B 210 16.09 -4.78 13.95
C PRO B 210 14.79 -5.51 14.28
N ILE B 211 13.99 -5.80 13.24
CA ILE B 211 12.64 -6.31 13.46
C ILE B 211 12.61 -7.74 14.02
N GLY B 212 11.76 -7.93 15.03
CA GLY B 212 11.57 -9.23 15.65
C GLY B 212 12.49 -9.50 16.83
N GLY B 213 13.07 -8.43 17.37
CA GLY B 213 13.97 -8.56 18.50
C GLY B 213 14.07 -7.26 19.28
N ASP B 214 14.63 -7.33 20.49
CA ASP B 214 14.74 -6.16 21.35
C ASP B 214 16.15 -5.56 21.40
N THR B 215 17.11 -6.25 20.79
CA THR B 215 18.49 -5.77 20.75
C THR B 215 18.63 -4.56 19.84
N ILE B 216 19.66 -3.75 20.09
CA ILE B 216 19.95 -2.60 19.25
C ILE B 216 20.99 -2.94 18.20
N SER B 217 20.72 -2.54 16.95
CA SER B 217 21.69 -2.70 15.88
C SER B 217 22.30 -1.36 15.55
N VAL B 218 23.62 -1.35 15.37
CA VAL B 218 24.33 -0.14 14.99
C VAL B 218 24.99 -0.36 13.64
N THR B 219 24.64 0.48 12.67
CA THR B 219 25.07 0.29 11.30
C THR B 219 25.97 1.43 10.84
N SER B 220 27.09 1.08 10.23
CA SER B 220 28.01 2.05 9.69
C SER B 220 27.70 2.30 8.23
N GLY B 221 27.64 3.57 7.82
CA GLY B 221 27.46 3.91 6.41
C GLY B 221 28.10 5.24 6.05
N VAL B 222 28.36 5.46 4.77
CA VAL B 222 28.91 6.75 4.35
C VAL B 222 27.96 7.49 3.39
N VAL B 223 27.86 8.81 3.56
CA VAL B 223 26.99 9.62 2.73
C VAL B 223 27.46 9.59 1.28
N SER B 224 26.75 8.83 0.45
CA SER B 224 27.18 8.60 -0.92
C SER B 224 26.47 9.49 -1.92
N ARG B 225 25.40 10.14 -1.49
CA ARG B 225 24.65 11.01 -2.38
C ARG B 225 23.78 12.01 -1.61
N MET B 226 23.64 13.21 -2.16
CA MET B 226 22.80 14.24 -1.56
C MET B 226 21.80 14.81 -2.57
N GLU B 227 20.58 15.06 -2.11
CA GLU B 227 19.58 15.71 -2.94
C GLU B 227 19.36 17.12 -2.40
N ILE B 228 19.47 18.12 -3.26
CA ILE B 228 19.48 19.51 -2.81
C ILE B 228 18.34 20.37 -3.36
N LEU B 229 17.59 20.97 -2.44
CA LEU B 229 16.50 21.89 -2.78
C LEU B 229 17.05 23.22 -3.27
N SER B 230 16.25 23.94 -4.04
CA SER B 230 16.68 25.23 -4.57
C SER B 230 15.49 26.18 -4.72
N TYR B 231 15.41 27.17 -3.83
CA TYR B 231 14.33 28.15 -3.86
C TYR B 231 14.58 29.22 -4.92
N VAL B 232 13.53 29.94 -5.30
CA VAL B 232 13.64 31.02 -6.27
C VAL B 232 14.38 32.22 -5.70
N HIS B 233 14.51 32.27 -4.38
CA HIS B 233 15.28 33.31 -3.71
C HIS B 233 16.75 33.22 -4.11
N GLY B 234 17.25 32.00 -4.29
CA GLY B 234 18.63 31.77 -4.63
C GLY B 234 19.33 30.89 -3.61
N SER B 235 18.64 30.67 -2.48
CA SER B 235 19.18 29.88 -1.39
C SER B 235 18.90 28.39 -1.58
N THR B 236 19.84 27.54 -1.15
CA THR B 236 19.69 26.10 -1.26
C THR B 236 19.73 25.40 0.09
N GLU B 237 18.72 24.61 0.39
CA GLU B 237 18.77 23.75 1.58
C GLU B 237 18.89 22.28 1.23
N LEU B 238 19.44 21.51 2.18
CA LEU B 238 19.66 20.09 2.00
C LEU B 238 18.34 19.33 2.14
N LEU B 239 18.06 18.46 1.19
CA LEU B 239 16.76 17.78 1.13
C LEU B 239 16.85 16.29 1.43
N GLY B 240 17.85 15.62 0.84
CA GLY B 240 17.97 14.19 1.01
C GLY B 240 19.39 13.69 1.13
N LEU B 241 19.56 12.63 1.91
CA LEU B 241 20.85 11.97 2.04
C LEU B 241 20.72 10.49 1.70
N GLN B 242 21.71 9.99 0.97
CA GLN B 242 21.78 8.56 0.68
C GLN B 242 23.11 8.01 1.19
N ILE B 243 23.05 6.90 1.90
CA ILE B 243 24.27 6.28 2.41
C ILE B 243 24.53 4.91 1.76
N ASP B 244 25.78 4.46 1.82
CA ASP B 244 26.18 3.26 1.09
C ASP B 244 26.07 2.01 1.95
N ALA B 245 25.09 2.00 2.83
CA ALA B 245 24.84 0.85 3.68
C ALA B 245 23.35 0.62 3.79
N ALA B 246 22.93 -0.64 3.78
CA ALA B 246 21.52 -0.96 3.88
C ALA B 246 21.01 -0.84 5.31
N ILE B 247 19.84 -0.23 5.45
CA ILE B 247 19.15 -0.14 6.73
C ILE B 247 18.13 -1.28 6.78
N ASN B 248 18.38 -2.29 7.60
CA ASN B 248 17.45 -3.40 7.71
C ASN B 248 16.09 -2.96 8.32
N SER B 249 15.06 -3.76 8.05
CA SER B 249 13.65 -3.35 8.22
C SER B 249 13.26 -2.56 9.48
N GLY B 250 13.52 -3.14 10.65
CA GLY B 250 13.07 -2.57 11.90
C GLY B 250 13.73 -1.26 12.25
N ASN B 251 14.90 -1.03 11.65
CA ASN B 251 15.72 0.16 11.96
C ASN B 251 15.13 1.47 11.46
N SER B 252 14.27 1.37 10.44
CA SER B 252 13.73 2.55 9.81
C SER B 252 13.05 3.45 10.84
N GLY B 253 13.43 4.72 10.86
CA GLY B 253 12.87 5.67 11.81
C GLY B 253 13.78 6.01 12.98
N GLY B 254 14.86 5.26 13.12
CA GLY B 254 15.85 5.54 14.15
C GLY B 254 16.71 6.73 13.75
N PRO B 255 17.57 7.19 14.67
CA PRO B 255 18.42 8.34 14.41
C PRO B 255 19.70 7.98 13.65
N ALA B 256 20.23 8.97 12.92
CA ALA B 256 21.51 8.84 12.25
C ALA B 256 22.48 9.83 12.88
N PHE B 257 23.66 9.35 13.28
CA PHE B 257 24.65 10.21 13.93
C PHE B 257 25.91 10.44 13.11
N ASN B 258 26.52 11.60 13.29
CA ASN B 258 27.81 11.91 12.70
C ASN B 258 28.93 11.41 13.60
N ASP B 259 30.17 11.67 13.20
CA ASP B 259 31.36 11.27 13.96
C ASP B 259 31.30 11.63 15.43
N LYS B 260 30.62 12.74 15.74
CA LYS B 260 30.65 13.30 17.08
C LYS B 260 29.47 12.87 17.93
N GLY B 261 28.78 11.82 17.52
CA GLY B 261 27.64 11.31 18.27
C GLY B 261 26.46 12.27 18.31
N LYS B 262 26.44 13.20 17.36
CA LYS B 262 25.37 14.17 17.21
C LYS B 262 24.43 13.74 16.09
N CYS B 263 23.14 13.95 16.29
CA CYS B 263 22.15 13.51 15.31
C CYS B 263 22.14 14.36 14.05
N VAL B 264 21.98 13.71 12.90
CA VAL B 264 21.94 14.42 11.63
C VAL B 264 20.71 14.05 10.81
N GLY B 265 19.82 13.25 11.40
CA GLY B 265 18.55 12.96 10.74
C GLY B 265 17.88 11.65 11.11
N ILE B 266 16.80 11.34 10.39
CA ILE B 266 16.07 10.09 10.56
C ILE B 266 16.47 9.13 9.45
N ALA B 267 16.51 7.84 9.77
CA ALA B 267 17.01 6.85 8.81
C ALA B 267 15.88 6.04 8.18
N PHE B 268 16.10 5.57 6.97
CA PHE B 268 15.07 4.84 6.22
C PHE B 268 15.62 3.71 5.37
N GLN B 269 14.99 2.54 5.49
CA GLN B 269 15.27 1.42 4.62
C GLN B 269 14.87 1.79 3.20
N SER B 270 15.75 1.50 2.23
CA SER B 270 15.46 1.76 0.83
C SER B 270 14.43 0.75 0.33
N LEU B 271 13.26 1.26 -0.03
CA LEU B 271 12.17 0.41 -0.48
C LEU B 271 12.14 0.25 -2.00
N LYS B 272 12.05 1.39 -2.70
CA LYS B 272 12.00 1.40 -4.15
C LYS B 272 13.28 0.84 -4.78
N HIS B 273 13.25 0.64 -6.10
CA HIS B 273 14.30 -0.08 -6.81
C HIS B 273 14.59 -1.40 -6.10
N GLU B 274 15.85 -1.81 -6.09
CA GLU B 274 16.23 -3.03 -5.39
C GLU B 274 16.67 -2.73 -3.95
N ASP B 275 16.50 -3.71 -3.08
CA ASP B 275 16.81 -3.52 -1.65
C ASP B 275 17.97 -4.38 -1.18
N ALA B 276 18.43 -4.11 0.04
CA ALA B 276 19.55 -4.83 0.67
C ALA B 276 20.80 -4.89 -0.22
N GLU B 277 20.93 -3.92 -1.12
CA GLU B 277 22.10 -3.81 -1.98
C GLU B 277 23.02 -2.69 -1.53
N ASN B 278 23.08 -2.50 -0.21
CA ASN B 278 23.94 -1.49 0.39
C ASN B 278 23.54 -0.09 -0.04
N ILE B 279 22.28 0.26 0.24
CA ILE B 279 21.77 1.58 -0.08
C ILE B 279 20.70 1.98 0.93
N GLY B 280 20.94 3.08 1.63
CA GLY B 280 20.01 3.54 2.64
C GLY B 280 19.74 5.00 2.46
N TYR B 281 18.63 5.47 3.04
CA TYR B 281 18.27 6.86 2.94
C TYR B 281 18.20 7.50 4.32
N VAL B 282 18.42 8.80 4.37
CA VAL B 282 18.38 9.56 5.61
C VAL B 282 17.75 10.92 5.33
N ILE B 283 16.78 11.31 6.15
CA ILE B 283 16.19 12.63 6.05
C ILE B 283 16.99 13.64 6.88
N PRO B 284 17.58 14.64 6.22
CA PRO B 284 18.45 15.62 6.88
C PRO B 284 17.68 16.45 7.89
N THR B 285 18.39 17.10 8.81
CA THR B 285 17.75 17.91 9.84
C THR B 285 16.86 19.06 9.36
N PRO B 286 17.24 19.76 8.26
CA PRO B 286 16.36 20.87 7.87
C PRO B 286 14.94 20.43 7.54
N VAL B 287 14.79 19.25 6.97
CA VAL B 287 13.48 18.71 6.68
C VAL B 287 12.70 18.44 7.97
N ILE B 288 13.40 17.86 8.94
CA ILE B 288 12.79 17.58 10.24
C ILE B 288 12.34 18.89 10.89
N VAL B 289 13.13 19.94 10.69
CA VAL B 289 12.83 21.24 11.26
C VAL B 289 11.55 21.78 10.66
N HIS B 290 11.54 21.93 9.33
CA HIS B 290 10.35 22.37 8.59
C HIS B 290 9.11 21.60 9.03
N PHE B 291 9.26 20.29 9.14
CA PHE B 291 8.14 19.42 9.55
C PHE B 291 7.59 19.80 10.91
N ILE B 292 8.47 20.02 11.88
CA ILE B 292 8.03 20.41 13.21
C ILE B 292 7.47 21.84 13.18
N GLN B 293 8.12 22.70 12.40
CA GLN B 293 7.64 24.07 12.25
C GLN B 293 6.21 24.11 11.72
N ASP B 294 5.95 23.35 10.66
CA ASP B 294 4.62 23.30 10.06
C ASP B 294 3.57 22.77 11.03
N TYR B 295 4.03 22.00 12.01
CA TYR B 295 3.13 21.42 13.00
C TYR B 295 2.82 22.40 14.11
N GLU B 296 3.87 22.91 14.74
CA GLU B 296 3.74 23.86 15.86
C GLU B 296 2.96 25.11 15.49
N LYS B 297 3.28 25.67 14.32
CA LYS B 297 2.68 26.92 13.88
C LYS B 297 1.21 26.76 13.52
N HIS B 298 0.83 25.56 13.08
CA HIS B 298 -0.52 25.32 12.61
C HIS B 298 -1.26 24.34 13.52
#